data_2CO3
#
_entry.id   2CO3
#
_cell.length_a   50.373
_cell.length_b   41.216
_cell.length_c   59.920
_cell.angle_alpha   90.00
_cell.angle_beta   104.13
_cell.angle_gamma   90.00
#
_symmetry.space_group_name_H-M   'P 1 21 1'
#
loop_
_entity.id
_entity.type
_entity.pdbx_description
1 polymer 'SAFA PILUS SUBUNIT'
2 water water
#
_entity_poly.entity_id   1
_entity_poly.type   'polypeptide(L)'
_entity_poly.pdbx_seq_one_letter_code
;GSQKSVDIVFSSPQDLTVSLIPVSGLKAGKNAPSAKIAKLVVNSTTLKEFGVRGISNNVVDSTGTAWRVAGKNTGKEIGV
GLSSDSLRRSDSTEKWNGVNWMTFNSNDTLDIVLTGPAQNVTADTYPITLDVVGYQP
;
_entity_poly.pdbx_strand_id   A,B
#
# COMPACT_ATOMS: atom_id res chain seq x y z
N GLY A 1 -9.08 -6.47 12.13
CA GLY A 1 -9.54 -7.58 11.27
C GLY A 1 -8.62 -7.75 10.08
N SER A 2 -8.98 -8.69 9.21
CA SER A 2 -8.15 -8.95 8.05
C SER A 2 -8.62 -8.18 6.82
N GLN A 3 -9.69 -7.41 6.95
CA GLN A 3 -10.20 -6.61 5.82
C GLN A 3 -9.28 -5.41 5.62
N LYS A 4 -9.01 -5.05 4.37
CA LYS A 4 -8.13 -3.91 4.10
C LYS A 4 -8.73 -3.02 3.03
N SER A 5 -8.47 -1.71 3.12
CA SER A 5 -8.99 -0.78 2.12
C SER A 5 -7.85 0.10 1.62
N VAL A 6 -7.94 0.55 0.37
N VAL A 6 -7.96 0.56 0.38
CA VAL A 6 -6.92 1.43 -0.19
CA VAL A 6 -6.94 1.45 -0.20
C VAL A 6 -7.52 2.25 -1.32
C VAL A 6 -7.66 2.28 -1.25
N ASP A 7 -7.13 3.51 -1.41
N ASP A 7 -7.17 3.49 -1.49
CA ASP A 7 -7.63 4.35 -2.49
CA ASP A 7 -7.78 4.37 -2.47
C ASP A 7 -6.95 4.03 -3.83
C ASP A 7 -7.08 4.32 -3.82
N ILE A 8 -7.74 3.93 -4.89
N ILE A 8 -7.78 3.81 -4.83
CA ILE A 8 -7.22 3.65 -6.23
CA ILE A 8 -7.23 3.72 -6.17
C ILE A 8 -7.39 5.01 -6.92
C ILE A 8 -7.38 5.09 -6.80
N VAL A 9 -6.30 5.59 -7.40
CA VAL A 9 -6.33 6.91 -8.00
C VAL A 9 -6.04 6.95 -9.50
N PHE A 10 -6.98 7.51 -10.25
CA PHE A 10 -6.82 7.67 -11.69
C PHE A 10 -6.74 9.16 -11.94
N SER A 11 -5.74 9.59 -12.69
CA SER A 11 -5.60 11.03 -12.98
C SER A 11 -4.95 11.27 -14.32
N SER A 12 -4.90 12.53 -14.76
CA SER A 12 -4.23 12.83 -16.01
C SER A 12 -2.75 12.65 -15.65
N PRO A 13 -1.84 12.59 -16.63
CA PRO A 13 -0.42 12.39 -16.29
C PRO A 13 0.07 13.40 -15.26
N GLN A 14 0.78 12.89 -14.23
CA GLN A 14 1.33 13.72 -13.17
C GLN A 14 2.82 13.78 -13.31
N ASP A 15 3.43 14.81 -12.74
CA ASP A 15 4.87 14.90 -12.88
C ASP A 15 5.63 13.84 -12.15
N LEU A 16 5.03 13.37 -11.07
N LEU A 16 5.01 13.18 -11.18
CA LEU A 16 5.66 12.37 -10.23
CA LEU A 16 5.72 12.09 -10.49
C LEU A 16 4.70 11.23 -9.98
C LEU A 16 4.76 11.08 -9.84
N THR A 17 5.29 10.07 -9.68
N THR A 17 5.11 9.80 -9.94
CA THR A 17 4.54 8.89 -9.34
CA THR A 17 4.31 8.73 -9.35
C THR A 17 5.18 8.46 -8.03
C THR A 17 5.04 8.18 -8.12
N VAL A 18 4.38 8.28 -6.97
CA VAL A 18 4.95 7.84 -5.71
C VAL A 18 4.38 6.50 -5.27
N SER A 19 5.25 5.55 -4.98
CA SER A 19 4.81 4.24 -4.53
C SER A 19 5.52 4.00 -3.19
N LEU A 20 4.73 3.57 -2.21
CA LEU A 20 5.23 3.28 -0.87
C LEU A 20 4.84 1.84 -0.61
N ILE A 21 5.84 0.98 -0.56
N ILE A 21 5.83 0.98 -0.56
CA ILE A 21 5.64 -0.44 -0.38
CA ILE A 21 5.61 -0.45 -0.37
C ILE A 21 6.13 -0.94 0.98
C ILE A 21 6.12 -0.93 0.97
N PRO A 22 5.21 -1.43 1.82
CA PRO A 22 5.59 -1.93 3.14
C PRO A 22 6.25 -3.30 3.03
N VAL A 23 7.13 -3.63 3.99
CA VAL A 23 7.81 -4.93 4.00
C VAL A 23 6.85 -5.92 4.67
N SER A 24 6.68 -7.08 4.04
CA SER A 24 5.80 -8.12 4.58
C SER A 24 6.60 -9.05 5.50
N GLY A 25 5.92 -9.66 6.46
CA GLY A 25 6.59 -10.59 7.34
C GLY A 25 7.39 -10.03 8.49
N LEU A 26 7.23 -8.73 8.77
CA LEU A 26 7.97 -8.14 9.89
C LEU A 26 7.50 -8.84 11.18
N LYS A 27 8.46 -9.25 12.00
CA LYS A 27 8.20 -9.96 13.24
C LYS A 27 8.26 -9.09 14.50
N ALA A 28 7.24 -9.20 15.34
CA ALA A 28 7.21 -8.43 16.58
C ALA A 28 8.37 -8.93 17.46
N GLY A 29 8.85 -8.09 18.37
CA GLY A 29 9.95 -8.48 19.21
C GLY A 29 11.20 -7.72 18.81
N LYS A 30 12.35 -8.18 19.28
CA LYS A 30 13.61 -7.55 18.94
C LYS A 30 13.85 -7.57 17.45
N ASN A 31 14.25 -6.43 16.89
CA ASN A 31 14.54 -6.32 15.46
C ASN A 31 15.95 -5.80 15.25
N ALA A 32 16.47 -6.01 14.04
CA ALA A 32 17.83 -5.54 13.77
C ALA A 32 17.90 -4.03 13.60
N PRO A 33 19.03 -3.43 13.94
CA PRO A 33 19.22 -2.00 13.78
C PRO A 33 19.05 -1.71 12.28
N SER A 34 18.36 -0.63 11.95
CA SER A 34 18.09 -0.26 10.57
C SER A 34 17.36 -1.29 9.73
N ALA A 35 16.58 -2.12 10.40
CA ALA A 35 15.78 -3.13 9.71
C ALA A 35 14.86 -2.41 8.71
N LYS A 36 14.79 -2.89 7.47
CA LYS A 36 13.90 -2.25 6.49
C LYS A 36 12.44 -2.54 6.76
N ILE A 37 11.61 -1.51 6.64
CA ILE A 37 10.19 -1.68 6.87
C ILE A 37 9.32 -1.22 5.73
N ALA A 38 9.88 -0.43 4.81
CA ALA A 38 9.16 0.03 3.62
C ALA A 38 10.11 0.65 2.61
N LYS A 39 9.67 0.70 1.36
CA LYS A 39 10.50 1.30 0.33
C LYS A 39 9.66 2.38 -0.32
N LEU A 40 10.26 3.56 -0.50
CA LEU A 40 9.59 4.68 -1.13
C LEU A 40 10.19 4.80 -2.52
N VAL A 41 9.36 4.63 -3.54
CA VAL A 41 9.87 4.75 -4.88
C VAL A 41 9.23 5.96 -5.55
N VAL A 42 10.04 6.92 -5.97
CA VAL A 42 9.52 8.09 -6.64
C VAL A 42 10.00 8.01 -8.08
N ASN A 43 9.06 7.97 -9.02
CA ASN A 43 9.41 7.90 -10.43
C ASN A 43 8.89 9.12 -11.14
N SER A 44 9.55 9.48 -12.24
CA SER A 44 9.15 10.58 -13.08
C SER A 44 9.77 10.40 -14.46
N THR A 45 9.03 10.75 -15.50
CA THR A 45 9.63 10.70 -16.82
C THR A 45 9.92 12.15 -17.23
N THR A 46 9.51 13.10 -16.39
CA THR A 46 9.63 14.52 -16.72
C THR A 46 10.41 15.42 -15.76
N LEU A 47 10.44 15.04 -14.49
CA LEU A 47 11.13 15.85 -13.48
C LEU A 47 12.38 15.19 -12.98
N LYS A 48 13.38 16.02 -12.70
CA LYS A 48 14.67 15.55 -12.25
C LYS A 48 14.78 15.32 -10.76
N GLU A 49 14.13 16.19 -9.98
CA GLU A 49 14.27 16.11 -8.53
C GLU A 49 12.99 16.30 -7.73
N PHE A 50 13.04 15.88 -6.47
CA PHE A 50 11.91 16.03 -5.56
C PHE A 50 12.45 16.17 -4.13
N GLY A 51 11.58 16.63 -3.23
CA GLY A 51 11.94 16.74 -1.83
C GLY A 51 10.96 15.80 -1.13
N VAL A 52 11.32 15.32 0.05
CA VAL A 52 10.46 14.37 0.77
C VAL A 52 10.62 14.47 2.28
N ARG A 53 9.49 14.40 3.00
CA ARG A 53 9.52 14.39 4.46
C ARG A 53 8.47 13.40 4.92
N GLY A 54 8.68 12.86 6.11
CA GLY A 54 7.67 11.99 6.70
C GLY A 54 6.75 12.99 7.41
N ILE A 55 5.44 12.77 7.43
CA ILE A 55 4.50 13.67 8.11
C ILE A 55 4.11 12.95 9.39
N SER A 56 4.33 13.61 10.52
CA SER A 56 4.10 12.98 11.83
C SER A 56 3.99 13.99 12.94
N ASN A 57 3.29 13.60 14.01
CA ASN A 57 3.17 14.47 15.16
C ASN A 57 4.45 14.36 16.02
N ASN A 58 5.35 13.45 15.67
CA ASN A 58 6.61 13.35 16.42
C ASN A 58 7.82 13.23 15.50
N VAL A 59 8.06 14.29 14.72
CA VAL A 59 9.23 14.32 13.85
C VAL A 59 10.43 14.55 14.80
N VAL A 60 11.54 13.84 14.58
CA VAL A 60 12.68 13.99 15.49
C VAL A 60 13.98 14.54 14.92
N ASP A 61 13.97 14.97 13.66
CA ASP A 61 15.16 15.63 13.14
C ASP A 61 14.71 16.83 12.31
N SER A 62 15.65 17.67 11.95
CA SER A 62 15.29 18.88 11.22
C SER A 62 14.72 18.70 9.84
N THR A 63 15.09 17.62 9.17
CA THR A 63 14.66 17.38 7.80
C THR A 63 13.41 16.49 7.61
N GLY A 64 12.80 16.07 8.71
CA GLY A 64 11.63 15.23 8.60
C GLY A 64 12.02 13.89 8.00
N THR A 65 13.26 13.48 8.25
CA THR A 65 13.75 12.21 7.73
C THR A 65 13.81 11.14 8.82
N ALA A 66 13.35 11.50 10.02
CA ALA A 66 13.27 10.56 11.12
C ALA A 66 12.12 11.01 12.00
N TRP A 67 11.31 10.06 12.46
CA TRP A 67 10.18 10.41 13.31
C TRP A 67 9.76 9.18 14.10
N ARG A 68 8.77 9.33 14.96
CA ARG A 68 8.30 8.17 15.72
C ARG A 68 6.82 7.96 15.47
N VAL A 69 6.41 6.70 15.42
CA VAL A 69 5.01 6.38 15.15
C VAL A 69 4.44 5.49 16.26
N ALA A 70 3.27 5.84 16.77
CA ALA A 70 2.63 5.01 17.79
C ALA A 70 1.72 3.96 17.14
N GLY A 71 1.73 2.77 17.71
CA GLY A 71 0.90 1.67 17.21
C GLY A 71 -0.58 2.00 17.38
N LYS A 72 -1.35 1.68 16.34
CA LYS A 72 -2.78 1.96 16.35
C LYS A 72 -3.51 1.23 17.49
N ASN A 73 -3.12 0.00 17.74
CA ASN A 73 -3.79 -0.80 18.75
C ASN A 73 -3.25 -0.71 20.16
N THR A 74 -1.95 -0.47 20.31
CA THR A 74 -1.35 -0.44 21.64
C THR A 74 -0.74 0.89 22.10
N GLY A 75 -0.52 1.81 21.17
CA GLY A 75 0.08 3.09 21.55
C GLY A 75 1.60 3.01 21.68
N LYS A 76 2.16 1.81 21.55
CA LYS A 76 3.61 1.66 21.66
C LYS A 76 4.25 2.34 20.47
N GLU A 77 5.41 2.95 20.68
CA GLU A 77 6.09 3.64 19.60
C GLU A 77 7.28 2.93 18.96
N ILE A 78 7.55 3.26 17.70
CA ILE A 78 8.76 2.76 17.01
C ILE A 78 9.39 4.01 16.38
N GLY A 79 10.69 3.98 16.15
CA GLY A 79 11.37 5.10 15.52
C GLY A 79 11.65 4.64 14.09
N VAL A 80 11.24 5.44 13.12
CA VAL A 80 11.40 5.14 11.70
C VAL A 80 12.06 6.30 10.98
N GLY A 81 12.51 6.06 9.76
CA GLY A 81 13.16 7.14 9.04
C GLY A 81 13.90 6.62 7.83
N LEU A 82 14.49 7.53 7.06
CA LEU A 82 15.23 7.05 5.89
C LEU A 82 16.53 6.39 6.38
N SER A 83 17.01 5.34 5.68
CA SER A 83 18.27 4.68 6.05
C SER A 83 19.41 5.64 5.79
N SER A 84 20.58 5.37 6.40
CA SER A 84 21.73 6.23 6.19
C SER A 84 22.16 6.21 4.73
N ASP A 85 22.10 5.03 4.12
N ASP A 85 22.07 5.03 4.13
CA ASP A 85 22.48 4.89 2.72
CA ASP A 85 22.44 4.83 2.73
C ASP A 85 21.58 5.76 1.84
C ASP A 85 21.58 5.69 1.82
N SER A 86 20.28 5.75 2.11
CA SER A 86 19.35 6.54 1.31
C SER A 86 19.61 8.02 1.50
N LEU A 87 19.85 8.43 2.74
CA LEU A 87 20.10 9.83 3.04
C LEU A 87 21.31 10.34 2.26
N ARG A 88 22.30 9.49 2.04
N ARG A 88 22.26 9.44 2.02
CA ARG A 88 23.50 9.93 1.33
CA ARG A 88 23.51 9.72 1.30
C ARG A 88 23.20 10.27 -0.13
C ARG A 88 23.28 10.01 -0.18
N ARG A 89 22.05 9.85 -0.63
CA ARG A 89 21.70 10.13 -2.02
C ARG A 89 21.17 11.54 -2.22
N SER A 90 21.13 12.32 -1.16
CA SER A 90 20.64 13.70 -1.26
C SER A 90 21.80 14.66 -1.43
N ASP A 91 21.78 15.49 -2.47
CA ASP A 91 22.89 16.42 -2.63
C ASP A 91 22.64 17.85 -2.17
N SER A 92 21.41 18.14 -1.72
CA SER A 92 21.10 19.47 -1.23
C SER A 92 19.84 19.50 -0.38
N THR A 93 19.75 20.46 0.53
CA THR A 93 18.57 20.65 1.39
C THR A 93 18.02 22.05 1.10
N GLU A 94 16.72 22.14 0.87
CA GLU A 94 16.07 23.41 0.57
C GLU A 94 15.18 23.82 1.74
N LYS A 95 15.12 25.11 2.05
CA LYS A 95 14.25 25.54 3.12
C LYS A 95 13.02 26.18 2.50
N TRP A 96 11.84 25.72 2.92
CA TRP A 96 10.57 26.23 2.41
C TRP A 96 9.66 26.61 3.57
N ASN A 97 9.40 27.92 3.69
CA ASN A 97 8.57 28.43 4.76
C ASN A 97 9.03 27.96 6.13
N GLY A 98 10.35 28.06 6.31
CA GLY A 98 10.98 27.72 7.57
C GLY A 98 11.21 26.25 7.83
N VAL A 99 10.92 25.42 6.83
CA VAL A 99 11.05 23.98 6.98
C VAL A 99 12.02 23.41 5.96
N ASN A 100 12.93 22.57 6.45
CA ASN A 100 13.95 21.93 5.62
C ASN A 100 13.47 20.68 4.89
N TRP A 101 13.75 20.64 3.58
CA TRP A 101 13.41 19.51 2.73
C TRP A 101 14.67 19.00 2.00
N MET A 102 15.04 17.75 2.22
CA MET A 102 16.20 17.19 1.51
C MET A 102 15.76 16.83 0.08
N THR A 103 16.62 17.13 -0.89
CA THR A 103 16.36 16.88 -2.31
C THR A 103 16.99 15.57 -2.78
N PHE A 104 16.27 14.86 -3.64
CA PHE A 104 16.75 13.59 -4.20
C PHE A 104 16.43 13.56 -5.68
N ASN A 105 17.12 12.70 -6.42
CA ASN A 105 16.85 12.53 -7.85
C ASN A 105 15.65 11.60 -8.01
N SER A 106 14.81 11.86 -9.02
CA SER A 106 13.66 11.01 -9.30
C SER A 106 14.21 9.65 -9.81
N ASN A 107 13.33 8.66 -9.83
CA ASN A 107 13.59 7.29 -10.27
C ASN A 107 14.61 6.62 -9.35
N ASP A 108 14.27 6.62 -8.07
CA ASP A 108 15.16 6.01 -7.12
C ASP A 108 14.29 5.39 -6.04
N THR A 109 14.88 4.49 -5.26
CA THR A 109 14.18 3.82 -4.18
C THR A 109 14.86 4.27 -2.91
N LEU A 110 14.09 4.81 -1.96
CA LEU A 110 14.64 5.23 -0.67
C LEU A 110 14.08 4.25 0.35
N ASP A 111 14.95 3.76 1.22
CA ASP A 111 14.50 2.77 2.19
C ASP A 111 14.09 3.42 3.51
N ILE A 112 12.96 3.00 4.03
CA ILE A 112 12.48 3.49 5.32
C ILE A 112 12.83 2.32 6.24
N VAL A 113 13.44 2.62 7.38
CA VAL A 113 13.90 1.60 8.31
C VAL A 113 13.58 1.95 9.76
N LEU A 114 13.84 0.98 10.64
CA LEU A 114 13.70 1.20 12.07
C LEU A 114 15.03 1.90 12.42
N THR A 115 14.95 3.16 12.81
CA THR A 115 16.16 3.91 13.12
C THR A 115 16.93 3.54 14.39
N GLY A 116 18.17 4.02 14.43
CA GLY A 116 19.05 3.87 15.58
C GLY A 116 19.27 2.46 16.11
N PRO A 117 19.44 2.34 17.43
CA PRO A 117 19.66 1.07 18.10
C PRO A 117 18.52 0.09 17.83
N ALA A 118 18.85 -1.19 17.94
CA ALA A 118 17.87 -2.25 17.74
C ALA A 118 16.65 -1.96 18.62
N GLN A 119 15.46 -2.11 18.04
CA GLN A 119 14.22 -1.83 18.77
C GLN A 119 13.43 -3.10 19.08
N ASN A 120 12.75 -3.11 20.22
CA ASN A 120 11.92 -4.25 20.60
C ASN A 120 10.53 -3.76 20.21
N VAL A 121 9.99 -4.31 19.13
CA VAL A 121 8.72 -3.85 18.58
C VAL A 121 7.50 -4.63 19.01
N THR A 122 6.50 -3.91 19.53
CA THR A 122 5.27 -4.54 19.97
C THR A 122 4.44 -4.86 18.74
N ALA A 123 3.84 -6.05 18.72
CA ALA A 123 3.00 -6.41 17.59
C ALA A 123 1.89 -5.36 17.46
N ASP A 124 1.79 -4.74 16.28
CA ASP A 124 0.79 -3.70 16.09
C ASP A 124 0.90 -3.18 14.66
N THR A 125 0.06 -2.21 14.33
CA THR A 125 0.03 -1.58 13.01
C THR A 125 0.52 -0.15 13.19
N TYR A 126 1.52 0.22 12.39
CA TYR A 126 2.11 1.55 12.50
C TYR A 126 2.02 2.28 11.18
N PRO A 127 1.06 3.21 11.07
CA PRO A 127 0.88 3.99 9.85
C PRO A 127 1.98 5.02 9.63
N ILE A 128 2.41 5.17 8.40
CA ILE A 128 3.41 6.17 8.07
C ILE A 128 2.95 6.89 6.82
N THR A 129 3.28 8.18 6.74
CA THR A 129 2.91 8.97 5.58
C THR A 129 4.16 9.70 5.10
N LEU A 130 4.42 9.64 3.81
CA LEU A 130 5.58 10.32 3.21
C LEU A 130 4.96 11.32 2.24
N ASP A 131 5.50 12.53 2.24
CA ASP A 131 5.03 13.62 1.40
C ASP A 131 6.17 13.98 0.45
N VAL A 132 5.90 13.87 -0.84
CA VAL A 132 6.87 14.13 -1.90
C VAL A 132 6.50 15.38 -2.68
N VAL A 133 7.47 16.28 -2.87
CA VAL A 133 7.19 17.54 -3.56
C VAL A 133 8.13 17.62 -4.75
N GLY A 134 7.58 17.73 -5.95
CA GLY A 134 8.44 17.76 -7.13
C GLY A 134 9.01 19.15 -7.39
N TYR A 135 10.15 19.22 -7.90
N GLY B 1 2.44 17.70 -0.72
CA GLY B 1 2.73 17.34 -2.13
C GLY B 1 2.01 16.05 -2.45
N SER B 2 2.70 15.15 -3.14
CA SER B 2 2.13 13.87 -3.46
C SER B 2 2.39 13.04 -2.22
N GLN B 3 1.34 12.71 -1.49
CA GLN B 3 1.47 11.93 -0.27
C GLN B 3 1.02 10.50 -0.44
N LYS B 4 1.70 9.60 0.26
CA LYS B 4 1.33 8.20 0.26
C LYS B 4 1.43 7.72 1.70
N SER B 5 0.44 6.94 2.14
CA SER B 5 0.43 6.39 3.50
C SER B 5 0.29 4.86 3.39
N VAL B 6 0.97 4.14 4.27
CA VAL B 6 0.86 2.67 4.30
C VAL B 6 0.97 2.23 5.73
N ASP B 7 0.41 1.06 6.01
CA ASP B 7 0.46 0.49 7.36
C ASP B 7 1.68 -0.41 7.47
N ILE B 8 2.53 -0.20 8.48
CA ILE B 8 3.69 -1.07 8.67
C ILE B 8 3.16 -2.03 9.73
N VAL B 9 3.18 -3.32 9.44
CA VAL B 9 2.65 -4.28 10.39
C VAL B 9 3.69 -5.25 10.93
N PHE B 10 3.80 -5.30 12.26
CA PHE B 10 4.71 -6.23 12.92
C PHE B 10 3.79 -7.25 13.58
N SER B 11 4.02 -8.52 13.38
CA SER B 11 3.11 -9.47 14.00
C SER B 11 3.80 -10.68 14.56
N SER B 12 3.01 -11.48 15.29
CA SER B 12 3.50 -12.72 15.88
C SER B 12 3.43 -13.78 14.77
N PRO B 13 4.36 -14.75 14.76
CA PRO B 13 4.44 -15.82 13.77
C PRO B 13 3.17 -16.57 13.35
N GLN B 14 2.20 -16.70 14.25
CA GLN B 14 0.97 -17.41 13.91
C GLN B 14 -0.09 -16.47 13.33
N ASP B 15 0.11 -15.16 13.46
CA ASP B 15 -0.85 -14.15 13.00
C ASP B 15 -1.15 -14.09 11.51
N LEU B 16 -2.37 -13.66 11.20
CA LEU B 16 -2.79 -13.51 9.82
C LEU B 16 -2.69 -12.02 9.51
N THR B 17 -1.89 -11.67 8.51
CA THR B 17 -1.76 -10.26 8.11
C THR B 17 -2.04 -10.07 6.62
N VAL B 18 -2.81 -9.05 6.34
CA VAL B 18 -3.20 -8.77 4.95
C VAL B 18 -2.63 -7.43 4.53
N SER B 19 -2.21 -7.36 3.28
CA SER B 19 -1.66 -6.14 2.68
C SER B 19 -2.31 -5.91 1.31
N LEU B 20 -2.78 -4.69 1.08
CA LEU B 20 -3.40 -4.36 -0.20
C LEU B 20 -2.57 -3.19 -0.75
N ILE B 21 -1.86 -3.45 -1.85
N ILE B 21 -1.85 -3.44 -1.84
CA ILE B 21 -0.99 -2.47 -2.46
CA ILE B 21 -0.98 -2.43 -2.42
C ILE B 21 -1.55 -1.89 -3.76
C ILE B 21 -1.55 -1.89 -3.73
N PRO B 22 -1.86 -0.59 -3.78
CA PRO B 22 -2.40 0.02 -4.98
C PRO B 22 -1.33 0.27 -6.04
N VAL B 23 -1.77 0.33 -7.29
CA VAL B 23 -0.88 0.60 -8.43
C VAL B 23 -0.84 2.11 -8.58
N SER B 24 0.38 2.67 -8.68
CA SER B 24 0.52 4.11 -8.82
C SER B 24 0.62 4.46 -10.30
N GLY B 25 0.33 5.72 -10.63
CA GLY B 25 0.43 6.15 -12.01
C GLY B 25 -0.71 5.79 -12.94
N LEU B 26 -1.83 5.32 -12.40
CA LEU B 26 -3.00 4.95 -13.21
C LEU B 26 -3.49 6.15 -13.98
N LYS B 27 -3.81 5.93 -15.24
CA LYS B 27 -4.25 7.04 -16.10
C LYS B 27 -5.73 7.15 -16.38
N ALA B 28 -6.28 8.35 -16.16
CA ALA B 28 -7.69 8.58 -16.45
C ALA B 28 -7.87 8.41 -17.96
N GLY B 29 -9.09 8.11 -18.40
CA GLY B 29 -9.34 7.93 -19.81
C GLY B 29 -9.43 6.45 -20.13
N LYS B 30 -9.29 6.10 -21.41
CA LYS B 30 -9.39 4.70 -21.80
C LYS B 30 -8.25 3.93 -21.21
N ASN B 31 -8.53 2.69 -20.83
CA ASN B 31 -7.54 1.80 -20.24
C ASN B 31 -7.64 0.46 -20.94
N ALA B 32 -6.60 -0.35 -20.82
CA ALA B 32 -6.55 -1.67 -21.41
C ALA B 32 -7.41 -2.61 -20.56
N PRO B 33 -8.03 -3.62 -21.18
CA PRO B 33 -8.85 -4.56 -20.41
C PRO B 33 -7.97 -5.27 -19.38
N SER B 34 -8.54 -5.46 -18.18
N SER B 34 -8.53 -5.46 -18.18
CA SER B 34 -7.85 -6.11 -17.07
CA SER B 34 -7.85 -6.13 -17.08
C SER B 34 -6.60 -5.42 -16.53
C SER B 34 -6.60 -5.43 -16.54
N ALA B 35 -6.52 -4.11 -16.71
CA ALA B 35 -5.37 -3.33 -16.22
C ALA B 35 -5.33 -3.53 -14.70
N LYS B 36 -4.16 -3.81 -14.16
CA LYS B 36 -4.03 -3.99 -12.73
C LYS B 36 -4.17 -2.69 -11.94
N ILE B 37 -4.88 -2.76 -10.82
CA ILE B 37 -5.05 -1.61 -9.96
C ILE B 37 -4.57 -1.83 -8.53
N ALA B 38 -4.50 -3.10 -8.10
CA ALA B 38 -3.98 -3.39 -6.76
C ALA B 38 -3.59 -4.84 -6.66
N LYS B 39 -2.75 -5.14 -5.67
CA LYS B 39 -2.33 -6.51 -5.44
C LYS B 39 -2.66 -6.83 -3.98
N LEU B 40 -3.19 -8.02 -3.74
CA LEU B 40 -3.56 -8.43 -2.40
C LEU B 40 -2.57 -9.49 -1.96
N VAL B 41 -1.96 -9.29 -0.79
CA VAL B 41 -0.97 -10.22 -0.25
C VAL B 41 -1.41 -10.70 1.14
N VAL B 42 -1.50 -12.02 1.35
CA VAL B 42 -1.89 -12.50 2.68
C VAL B 42 -0.72 -13.22 3.38
N ASN B 43 -0.37 -12.78 4.59
CA ASN B 43 0.73 -13.39 5.32
C ASN B 43 0.41 -14.17 6.59
N SER B 44 1.03 -15.35 6.69
N SER B 44 1.04 -15.34 6.70
CA SER B 44 0.88 -16.25 7.84
CA SER B 44 0.86 -16.24 7.84
C SER B 44 1.79 -17.47 7.67
C SER B 44 1.51 -17.57 7.47
N THR B 45 2.51 -17.99 8.23
N THR B 45 2.47 -17.86 8.74
CA THR B 45 3.20 -19.26 7.95
CA THR B 45 3.35 -19.02 8.67
C THR B 45 2.39 -20.47 8.40
C THR B 45 2.65 -20.31 9.10
N THR B 46 1.32 -20.25 9.19
CA THR B 46 0.52 -21.40 9.62
C THR B 46 -0.81 -21.56 8.92
N LEU B 47 -1.41 -20.48 8.44
CA LEU B 47 -2.72 -20.57 7.78
C LEU B 47 -2.56 -21.22 6.40
N LYS B 48 -3.49 -22.11 6.07
CA LYS B 48 -3.46 -22.83 4.81
C LYS B 48 -4.34 -22.20 3.73
N GLU B 49 -5.55 -21.78 4.10
CA GLU B 49 -6.43 -21.16 3.12
C GLU B 49 -7.19 -19.97 3.67
N PHE B 50 -7.69 -19.14 2.77
CA PHE B 50 -8.46 -17.97 3.16
C PHE B 50 -9.52 -17.70 2.11
N GLY B 51 -10.63 -17.08 2.50
CA GLY B 51 -11.64 -16.72 1.53
C GLY B 51 -11.44 -15.21 1.34
N VAL B 52 -11.78 -14.65 0.18
CA VAL B 52 -11.63 -13.21 0.00
C VAL B 52 -12.77 -12.71 -0.85
N ARG B 53 -13.32 -11.56 -0.48
CA ARG B 53 -14.44 -10.97 -1.21
C ARG B 53 -14.24 -9.45 -1.21
N GLY B 54 -14.67 -8.80 -2.28
CA GLY B 54 -14.58 -7.35 -2.32
C GLY B 54 -15.87 -6.85 -1.70
N ILE B 55 -15.86 -5.62 -1.20
CA ILE B 55 -17.06 -5.07 -0.58
C ILE B 55 -17.30 -3.67 -1.06
N SER B 56 -18.52 -3.43 -1.56
CA SER B 56 -18.89 -2.08 -2.02
C SER B 56 -20.42 -2.03 -2.03
N ASN B 57 -20.97 -0.89 -2.46
CA ASN B 57 -22.42 -0.76 -2.51
C ASN B 57 -22.98 -1.48 -3.76
N ASN B 58 -22.11 -2.09 -4.56
CA ASN B 58 -22.59 -2.77 -5.75
C ASN B 58 -21.71 -3.96 -6.09
N VAL B 59 -21.98 -5.09 -5.44
CA VAL B 59 -21.20 -6.30 -5.67
C VAL B 59 -21.92 -7.02 -6.80
N VAL B 60 -21.19 -7.41 -7.83
CA VAL B 60 -21.84 -7.93 -9.03
C VAL B 60 -21.78 -9.39 -9.43
N ASP B 61 -21.25 -10.22 -8.54
CA ASP B 61 -21.31 -11.67 -8.77
C ASP B 61 -21.55 -12.37 -7.42
N SER B 62 -21.86 -13.67 -7.46
CA SER B 62 -22.21 -14.35 -6.23
C SER B 62 -21.11 -14.50 -5.19
N THR B 63 -19.88 -14.57 -5.66
CA THR B 63 -18.76 -14.75 -4.78
C THR B 63 -18.06 -13.46 -4.32
N GLY B 64 -18.61 -12.31 -4.71
CA GLY B 64 -17.97 -11.07 -4.32
C GLY B 64 -16.58 -10.93 -4.94
N THR B 65 -16.37 -11.55 -6.10
CA THR B 65 -15.08 -11.44 -6.78
C THR B 65 -15.07 -10.36 -7.87
N ALA B 66 -16.21 -9.69 -8.04
CA ALA B 66 -16.36 -8.56 -8.96
C ALA B 66 -17.35 -7.60 -8.36
N TRP B 67 -17.09 -6.30 -8.51
CA TRP B 67 -17.97 -5.29 -7.95
C TRP B 67 -17.70 -3.97 -8.65
N ARG B 68 -18.47 -2.94 -8.33
CA ARG B 68 -18.26 -1.64 -8.92
C ARG B 68 -18.07 -0.61 -7.82
N VAL B 69 -17.27 0.41 -8.09
CA VAL B 69 -16.98 1.42 -7.07
C VAL B 69 -17.22 2.79 -7.68
N ALA B 70 -17.87 3.70 -6.94
CA ALA B 70 -18.10 5.05 -7.46
C ALA B 70 -16.98 5.99 -7.02
N GLY B 71 -16.60 6.90 -7.92
CA GLY B 71 -15.54 7.85 -7.59
C GLY B 71 -16.01 8.81 -6.51
N LYS B 72 -15.11 9.17 -5.61
CA LYS B 72 -15.42 10.07 -4.50
C LYS B 72 -15.93 11.45 -4.90
N ASN B 73 -15.36 12.01 -5.95
CA ASN B 73 -15.75 13.35 -6.40
C ASN B 73 -16.88 13.39 -7.40
N THR B 74 -16.83 12.47 -8.37
CA THR B 74 -17.76 12.50 -9.48
C THR B 74 -18.89 11.49 -9.52
N GLY B 75 -18.79 10.45 -8.69
CA GLY B 75 -19.82 9.42 -8.67
C GLY B 75 -19.72 8.46 -9.85
N LYS B 76 -18.78 8.71 -10.76
CA LYS B 76 -18.60 7.83 -11.94
C LYS B 76 -18.10 6.48 -11.44
N GLU B 77 -18.55 5.39 -12.04
CA GLU B 77 -18.14 4.07 -11.56
C GLU B 77 -17.08 3.37 -12.40
N ILE B 78 -16.34 2.46 -11.76
CA ILE B 78 -15.41 1.58 -12.48
C ILE B 78 -15.81 0.18 -12.02
N GLY B 79 -15.55 -0.80 -12.89
CA GLY B 79 -15.81 -2.20 -12.55
C GLY B 79 -14.46 -2.83 -12.16
N VAL B 80 -14.40 -3.42 -10.97
CA VAL B 80 -13.16 -4.03 -10.49
C VAL B 80 -13.42 -5.46 -10.01
N GLY B 81 -12.34 -6.21 -9.80
CA GLY B 81 -12.50 -7.57 -9.35
C GLY B 81 -11.20 -8.32 -9.51
N LEU B 82 -11.20 -9.56 -9.04
CA LEU B 82 -10.03 -10.42 -9.19
C LEU B 82 -9.83 -10.70 -10.69
N SER B 83 -8.56 -10.78 -11.11
CA SER B 83 -8.24 -11.08 -12.49
C SER B 83 -8.56 -12.55 -12.75
N SER B 84 -8.72 -12.88 -14.03
N SER B 84 -8.74 -12.90 -14.02
CA SER B 84 -9.01 -14.23 -14.47
CA SER B 84 -9.05 -14.28 -14.36
C SER B 84 -7.94 -15.19 -13.93
C SER B 84 -7.93 -15.21 -13.87
N ASP B 85 -6.68 -14.80 -14.07
CA ASP B 85 -5.56 -15.61 -13.62
C ASP B 85 -5.63 -15.84 -12.11
N SER B 86 -6.02 -14.79 -11.37
CA SER B 86 -6.13 -14.93 -9.93
C SER B 86 -7.28 -15.88 -9.57
N LEU B 87 -8.41 -15.72 -10.26
CA LEU B 87 -9.58 -16.57 -10.02
C LEU B 87 -9.27 -18.03 -10.26
N ARG B 88 -8.44 -18.30 -11.26
CA ARG B 88 -8.04 -19.67 -11.59
C ARG B 88 -7.21 -20.35 -10.50
N ARG B 89 -6.64 -19.56 -9.61
CA ARG B 89 -5.86 -20.11 -8.51
C ARG B 89 -6.71 -20.53 -7.31
N SER B 90 -8.02 -20.32 -7.40
CA SER B 90 -8.91 -20.67 -6.29
C SER B 90 -8.98 -22.16 -5.99
N ASP B 91 -9.17 -22.49 -4.71
CA ASP B 91 -9.24 -23.86 -4.23
C ASP B 91 -10.65 -24.45 -4.31
N SER B 92 -11.61 -23.74 -3.73
CA SER B 92 -13.00 -24.19 -3.74
C SER B 92 -13.88 -22.99 -3.51
N THR B 93 -15.19 -23.21 -3.62
CA THR B 93 -16.17 -22.16 -3.35
C THR B 93 -17.01 -22.74 -2.23
N GLU B 94 -16.95 -22.13 -1.05
CA GLU B 94 -17.75 -22.61 0.06
C GLU B 94 -18.78 -21.56 0.45
N LYS B 95 -19.69 -21.95 1.34
CA LYS B 95 -20.69 -21.01 1.78
C LYS B 95 -20.66 -20.92 3.30
N TRP B 96 -20.38 -19.73 3.79
CA TRP B 96 -20.33 -19.50 5.22
C TRP B 96 -21.40 -18.48 5.54
N ASN B 97 -22.28 -18.82 6.47
CA ASN B 97 -23.34 -17.90 6.87
C ASN B 97 -24.10 -17.28 5.70
N GLY B 98 -24.56 -18.13 4.78
CA GLY B 98 -25.34 -17.68 3.63
C GLY B 98 -24.66 -16.85 2.56
N VAL B 99 -23.33 -16.86 2.54
CA VAL B 99 -22.60 -16.08 1.54
C VAL B 99 -21.58 -17.00 0.89
N ASN B 100 -21.45 -16.91 -0.43
CA ASN B 100 -20.51 -17.75 -1.15
C ASN B 100 -19.14 -17.13 -1.16
N TRP B 101 -18.13 -17.93 -0.81
CA TRP B 101 -16.77 -17.44 -0.80
C TRP B 101 -15.85 -18.34 -1.61
N MET B 102 -14.94 -17.75 -2.36
CA MET B 102 -13.94 -18.53 -3.06
C MET B 102 -12.74 -18.54 -2.14
N THR B 103 -12.10 -19.71 -2.02
CA THR B 103 -10.94 -19.86 -1.14
C THR B 103 -9.62 -19.88 -1.93
N PHE B 104 -8.55 -19.43 -1.28
CA PHE B 104 -7.22 -19.38 -1.89
C PHE B 104 -6.12 -19.84 -0.92
N ASN B 105 -4.99 -20.27 -1.49
CA ASN B 105 -3.84 -20.70 -0.71
C ASN B 105 -3.15 -19.47 -0.16
N SER B 106 -2.71 -19.55 1.08
CA SER B 106 -1.97 -18.46 1.66
C SER B 106 -0.71 -18.44 0.78
N ASN B 107 0.02 -17.34 0.77
CA ASN B 107 1.23 -17.27 -0.04
C ASN B 107 0.95 -16.94 -1.51
N ASP B 108 -0.29 -17.15 -1.97
CA ASP B 108 -0.65 -16.78 -3.35
C ASP B 108 -1.10 -15.32 -3.32
N THR B 109 -0.53 -14.48 -4.17
CA THR B 109 -0.94 -13.07 -4.22
C THR B 109 -2.02 -12.97 -5.29
N LEU B 110 -2.94 -12.04 -5.10
CA LEU B 110 -4.05 -11.91 -6.04
C LEU B 110 -4.08 -10.51 -6.63
N ASP B 111 -4.38 -10.43 -7.92
CA ASP B 111 -4.44 -9.16 -8.63
C ASP B 111 -5.85 -8.62 -8.73
N ILE B 112 -6.03 -7.35 -8.38
CA ILE B 112 -7.34 -6.70 -8.53
C ILE B 112 -7.17 -5.86 -9.80
N VAL B 113 -8.15 -5.94 -10.68
CA VAL B 113 -8.06 -5.30 -11.98
C VAL B 113 -9.37 -4.64 -12.43
N LEU B 114 -9.27 -3.86 -13.50
CA LEU B 114 -10.46 -3.27 -14.14
C LEU B 114 -11.01 -4.45 -14.92
N THR B 115 -12.20 -4.92 -14.52
CA THR B 115 -12.80 -6.09 -15.14
C THR B 115 -13.44 -5.83 -16.50
N GLY B 116 -13.73 -6.94 -17.19
CA GLY B 116 -14.42 -6.89 -18.48
C GLY B 116 -13.78 -6.11 -19.60
N PRO B 117 -14.60 -5.57 -20.51
CA PRO B 117 -14.04 -4.80 -21.61
C PRO B 117 -13.33 -3.53 -21.15
N ALA B 118 -12.49 -3.00 -22.05
CA ALA B 118 -11.76 -1.77 -21.77
C ALA B 118 -12.69 -0.73 -21.16
N GLN B 119 -12.23 -0.06 -20.12
CA GLN B 119 -13.03 0.97 -19.45
C GLN B 119 -12.44 2.38 -19.64
N ASN B 120 -13.32 3.36 -19.78
CA ASN B 120 -12.91 4.76 -19.93
C ASN B 120 -13.15 5.32 -18.51
N VAL B 121 -12.06 5.52 -17.79
CA VAL B 121 -12.14 5.94 -16.39
C VAL B 121 -12.02 7.43 -16.11
N THR B 122 -12.99 7.96 -15.39
CA THR B 122 -13.01 9.39 -15.05
C THR B 122 -11.97 9.65 -13.98
N ALA B 123 -11.20 10.74 -14.13
CA ALA B 123 -10.19 11.06 -13.11
C ALA B 123 -10.89 11.22 -11.75
N ASP B 124 -10.48 10.42 -10.76
CA ASP B 124 -11.14 10.43 -9.46
C ASP B 124 -10.40 9.43 -8.56
N THR B 125 -10.86 9.34 -7.31
CA THR B 125 -10.31 8.40 -6.34
C THR B 125 -11.42 7.36 -6.10
N TYR B 126 -11.03 6.09 -6.10
CA TYR B 126 -11.96 4.99 -5.92
C TYR B 126 -11.50 4.10 -4.79
N PRO B 127 -12.18 4.15 -3.64
CA PRO B 127 -11.74 3.29 -2.56
C PRO B 127 -12.13 1.82 -2.81
N ILE B 128 -11.20 0.92 -2.62
CA ILE B 128 -11.54 -0.49 -2.75
C ILE B 128 -11.28 -1.19 -1.44
N THR B 129 -12.16 -2.13 -1.13
CA THR B 129 -12.07 -2.87 0.12
C THR B 129 -12.13 -4.37 -0.16
N LEU B 130 -11.14 -5.09 0.35
CA LEU B 130 -11.08 -6.55 0.22
C LEU B 130 -11.17 -7.14 1.62
N ASP B 131 -12.08 -8.10 1.80
CA ASP B 131 -12.28 -8.75 3.10
C ASP B 131 -11.66 -10.15 3.02
N VAL B 132 -10.77 -10.46 3.95
CA VAL B 132 -10.12 -11.77 3.98
C VAL B 132 -10.53 -12.49 5.25
N VAL B 133 -10.90 -13.75 5.12
CA VAL B 133 -11.33 -14.53 6.27
C VAL B 133 -10.54 -15.82 6.26
N GLY B 134 -9.86 -16.09 7.37
CA GLY B 134 -9.08 -17.31 7.47
C GLY B 134 -10.03 -18.48 7.34
N TYR B 135 -9.64 -19.49 6.58
CA TYR B 135 -10.51 -20.64 6.39
C TYR B 135 -10.10 -21.80 7.30
N GLN B 136 -10.95 -22.24 8.11
#